data_2YPI
#
_entry.id   2YPI
#
_cell.length_a   74.350
_cell.length_b   83.970
_cell.length_c   38.670
_cell.angle_alpha   90.00
_cell.angle_beta   99.70
_cell.angle_gamma   90.00
#
_symmetry.space_group_name_H-M   'P 1 21 1'
#
loop_
_entity.id
_entity.type
_entity.pdbx_description
1 polymer 'TRIOSEPHOSPHATE ISOMERASE'
2 non-polymer '2-PHOSPHOGLYCOLIC ACID'
3 water water
#
_entity_poly.entity_id   1
_entity_poly.type   'polypeptide(L)'
_entity_poly.pdbx_seq_one_letter_code
;ARTFFVGGNFKLNGSKQSIKEIVERLNTASIPENVEVVICPPATYLDYSVSLVKKPQVTVGAQNAYLKASGAFTGENSVD
QIKDVGAKWVILGHSERRSYFHEDDKFIADKTKFALGQGVGVILCIGETLEEKKAGKTLDVVERQLNAVLEEVKDWTNVV
VAYEPVWAIGTGLAATPEDAQDIHASIRKFLASKLGDKAASELRILYGGSANGSNAVTFKDKADVDGFLVGGASLKPEFV
DIINSRN
;
_entity_poly.pdbx_strand_id   A,B
#
loop_
_chem_comp.id
_chem_comp.type
_chem_comp.name
_chem_comp.formula
PGA non-polymer '2-PHOSPHOGLYCOLIC ACID' 'C2 H5 O6 P'
#
# COMPACT_ATOMS: atom_id res chain seq x y z
N ALA A 1 9.29 2.08 30.79
CA ALA A 1 8.64 0.73 30.80
C ALA A 1 9.35 -0.18 29.90
N ARG A 2 10.55 -0.59 29.96
CA ARG A 2 11.80 -1.03 29.91
C ARG A 2 12.69 -0.99 28.71
N THR A 3 12.82 -2.00 27.89
CA THR A 3 13.70 -1.98 26.71
C THR A 3 13.55 -0.84 25.73
N PHE A 4 14.55 -0.02 25.74
CA PHE A 4 14.67 1.19 24.84
C PHE A 4 14.32 0.74 23.45
N PHE A 5 13.25 1.20 22.87
CA PHE A 5 12.76 0.97 21.55
C PHE A 5 12.80 2.11 20.54
N VAL A 6 13.56 1.94 19.41
CA VAL A 6 13.69 3.04 18.46
C VAL A 6 13.17 2.66 17.03
N GLY A 7 12.15 3.32 16.52
CA GLY A 7 11.66 3.09 15.20
C GLY A 7 12.03 4.24 14.20
N GLY A 8 12.12 3.77 12.92
CA GLY A 8 12.46 4.63 11.79
C GLY A 8 11.46 4.24 10.62
N ASN A 9 10.50 5.15 10.51
CA ASN A 9 9.43 5.27 9.63
C ASN A 9 9.87 6.03 8.37
N PHE A 10 10.55 5.36 7.49
CA PHE A 10 11.08 5.95 6.27
C PHE A 10 9.95 6.59 5.37
N LYS A 11 8.72 6.37 5.68
CA LYS A 11 7.61 6.85 4.93
C LYS A 11 7.81 6.61 3.43
N LEU A 12 7.34 7.45 2.55
CA LEU A 12 7.54 7.20 1.05
C LEU A 12 8.83 7.81 0.64
N ASN A 13 9.90 7.13 1.05
CA ASN A 13 11.29 7.53 0.77
C ASN A 13 12.20 6.36 0.66
N GLY A 14 12.81 6.29 -0.52
CA GLY A 14 13.82 5.26 -0.74
C GLY A 14 14.16 4.71 -2.02
N SER A 15 15.35 4.18 -2.09
CA SER A 15 15.92 3.47 -3.24
C SER A 15 16.53 2.20 -2.64
N LYS A 16 16.67 1.17 -3.34
CA LYS A 16 17.20 -0.08 -2.69
C LYS A 16 18.67 0.41 -2.43
N GLN A 17 19.05 1.14 -3.46
CA GLN A 17 20.34 1.80 -3.53
C GLN A 17 20.72 2.65 -2.32
N SER A 18 19.74 3.30 -1.78
CA SER A 18 19.70 4.16 -0.61
C SER A 18 19.41 3.45 0.71
N ILE A 19 18.62 2.47 0.82
CA ILE A 19 18.27 1.71 2.01
C ILE A 19 19.49 0.81 2.33
N LYS A 20 20.36 0.72 1.38
CA LYS A 20 21.57 -0.10 1.42
C LYS A 20 22.43 0.78 2.37
N GLU A 21 22.36 2.06 2.16
CA GLU A 21 23.12 3.01 2.95
C GLU A 21 22.65 2.74 4.37
N ILE A 22 21.49 3.28 4.51
CA ILE A 22 20.68 3.19 5.77
C ILE A 22 21.22 1.92 6.53
N VAL A 23 20.63 0.79 6.15
CA VAL A 23 20.80 -0.51 6.75
C VAL A 23 22.33 -0.88 6.78
N GLU A 24 23.08 -0.79 5.73
CA GLU A 24 24.49 -1.10 5.89
C GLU A 24 25.04 -0.28 7.03
N ARG A 25 25.02 1.05 6.96
CA ARG A 25 25.42 1.96 8.06
C ARG A 25 24.96 1.31 9.36
N LEU A 26 23.69 0.97 9.46
CA LEU A 26 23.13 0.36 10.71
C LEU A 26 23.84 -0.88 11.18
N ASN A 27 24.22 -1.80 10.28
CA ASN A 27 24.87 -3.07 10.62
C ASN A 27 26.36 -2.82 11.23
N THR A 28 26.99 -1.91 10.70
CA THR A 28 28.28 -1.35 10.93
C THR A 28 28.46 -0.71 12.35
N ALA A 29 27.43 -0.15 12.93
CA ALA A 29 27.20 0.60 14.08
C ALA A 29 27.38 0.06 15.52
N SER A 30 27.99 0.93 16.34
CA SER A 30 28.18 0.72 17.73
C SER A 30 26.78 1.33 18.42
N ILE A 31 26.12 0.26 18.84
CA ILE A 31 24.80 0.54 19.52
C ILE A 31 24.81 -0.54 20.56
N PRO A 32 24.15 -0.36 21.64
CA PRO A 32 24.06 -1.31 22.76
C PRO A 32 23.42 -2.65 22.33
N GLU A 33 23.46 -3.64 23.24
CA GLU A 33 22.80 -4.89 22.93
C GLU A 33 21.46 -4.92 23.58
N ASN A 34 21.34 -3.96 24.57
CA ASN A 34 20.11 -3.87 25.28
C ASN A 34 19.16 -2.86 24.51
N VAL A 35 19.02 -3.23 23.24
CA VAL A 35 18.19 -2.44 22.30
C VAL A 35 17.42 -3.31 21.29
N GLU A 36 16.43 -2.49 20.89
CA GLU A 36 15.38 -3.03 19.90
C GLU A 36 14.86 -1.88 19.10
N VAL A 37 15.26 -1.89 17.83
CA VAL A 37 14.97 -0.94 16.81
C VAL A 37 14.47 -1.61 15.50
N VAL A 38 13.45 -1.09 14.95
CA VAL A 38 12.80 -1.70 13.69
C VAL A 38 12.75 -0.65 12.60
N ILE A 39 12.96 -1.11 11.35
CA ILE A 39 13.00 -0.22 10.18
C ILE A 39 11.74 -0.37 9.33
N CYS A 40 10.97 0.63 9.34
CA CYS A 40 9.65 0.63 8.63
C CYS A 40 9.70 1.32 7.27
N PRO A 41 10.23 0.64 6.29
CA PRO A 41 10.38 1.03 4.91
C PRO A 41 9.12 0.89 4.05
N PRO A 42 9.29 1.51 2.92
CA PRO A 42 8.22 1.40 1.86
C PRO A 42 7.96 -0.07 1.71
N ALA A 43 6.68 -0.45 1.48
CA ALA A 43 6.28 -1.86 1.38
C ALA A 43 7.03 -2.67 0.33
N THR A 44 7.61 -2.07 -0.74
CA THR A 44 8.31 -2.79 -1.80
C THR A 44 9.74 -3.25 -1.49
N TYR A 45 10.38 -2.71 -0.47
CA TYR A 45 11.78 -3.06 -0.20
C TYR A 45 11.87 -3.58 1.29
N LEU A 46 10.73 -4.01 1.72
CA LEU A 46 10.62 -4.62 3.07
C LEU A 46 11.26 -5.94 3.08
N ASP A 47 11.65 -6.47 1.94
CA ASP A 47 12.31 -7.91 2.00
C ASP A 47 13.77 -7.81 1.62
N TYR A 48 14.14 -6.77 0.91
CA TYR A 48 15.47 -6.37 0.48
C TYR A 48 16.17 -6.00 1.81
N SER A 49 15.43 -5.21 2.50
CA SER A 49 15.95 -4.65 3.86
C SER A 49 16.28 -5.93 4.63
N VAL A 50 15.23 -6.71 4.80
CA VAL A 50 15.37 -7.98 5.59
C VAL A 50 16.66 -8.72 5.28
N SER A 51 17.00 -8.69 4.03
CA SER A 51 18.20 -9.34 3.48
C SER A 51 19.44 -8.52 3.63
N LEU A 52 19.27 -7.29 4.02
CA LEU A 52 20.46 -6.42 4.18
C LEU A 52 20.91 -6.43 5.63
N VAL A 53 19.96 -6.57 6.46
CA VAL A 53 20.07 -6.62 7.91
C VAL A 53 21.02 -7.69 8.45
N LYS A 54 22.10 -7.13 9.06
CA LYS A 54 23.07 -8.05 9.70
C LYS A 54 23.47 -7.55 11.13
N LYS A 55 22.46 -7.31 11.92
CA LYS A 55 22.49 -6.87 13.33
C LYS A 55 21.29 -7.33 14.06
N PRO A 56 21.39 -8.15 15.12
CA PRO A 56 20.34 -8.72 15.92
C PRO A 56 19.26 -7.75 16.46
N GLN A 57 19.68 -6.54 16.81
CA GLN A 57 18.74 -5.56 17.36
C GLN A 57 17.62 -5.20 16.49
N VAL A 58 18.05 -4.90 15.25
CA VAL A 58 17.16 -4.46 14.16
C VAL A 58 16.32 -5.55 13.53
N THR A 59 15.08 -5.13 13.23
CA THR A 59 14.09 -6.01 12.62
C THR A 59 13.23 -5.11 11.66
N VAL A 60 12.66 -5.68 10.61
CA VAL A 60 11.90 -4.83 9.70
C VAL A 60 10.40 -4.83 10.06
N GLY A 61 9.72 -3.78 9.82
CA GLY A 61 8.24 -3.64 10.22
C GLY A 61 7.70 -3.07 8.96
N ALA A 62 6.39 -2.73 9.07
CA ALA A 62 5.70 -2.10 7.86
C ALA A 62 4.99 -0.87 8.19
N GLN A 63 4.73 -0.13 7.16
CA GLN A 63 4.13 1.22 7.20
C GLN A 63 2.64 0.98 7.38
N ASN A 64 2.00 0.01 6.79
CA ASN A 64 0.56 -0.16 7.01
C ASN A 64 0.10 -1.50 6.47
N ALA A 65 -1.03 -1.93 6.98
CA ALA A 65 -1.71 -3.18 6.61
C ALA A 65 -3.20 -3.08 6.67
N TYR A 66 -3.92 -4.01 6.01
CA TYR A 66 -5.31 -4.18 6.02
C TYR A 66 -5.81 -5.01 7.24
N LEU A 67 -7.10 -5.24 7.40
CA LEU A 67 -7.56 -6.00 8.57
C LEU A 67 -7.91 -7.42 8.26
N LYS A 68 -7.81 -7.89 7.07
CA LYS A 68 -8.11 -9.10 6.40
C LYS A 68 -6.65 -9.57 6.00
N ALA A 69 -6.42 -10.85 5.94
CA ALA A 69 -5.06 -11.34 5.59
C ALA A 69 -4.94 -11.84 4.13
N SER A 70 -5.89 -11.87 3.33
CA SER A 70 -5.98 -12.25 1.95
C SER A 70 -7.43 -11.88 1.43
N GLY A 71 -7.55 -11.49 0.20
CA GLY A 71 -8.83 -11.13 -0.42
C GLY A 71 -8.76 -10.19 -1.62
N ALA A 72 -9.94 -9.79 -2.03
CA ALA A 72 -10.20 -8.88 -3.14
C ALA A 72 -10.00 -7.48 -2.57
N PHE A 73 -8.70 -7.19 -2.42
CA PHE A 73 -8.28 -5.93 -1.82
C PHE A 73 -7.19 -5.30 -2.65
N THR A 74 -7.51 -5.01 -3.92
CA THR A 74 -6.52 -4.37 -4.79
C THR A 74 -5.81 -3.16 -4.16
N GLY A 75 -4.53 -3.18 -3.95
CA GLY A 75 -3.75 -2.14 -3.46
C GLY A 75 -3.38 -2.11 -2.00
N GLU A 76 -3.81 -3.02 -1.14
CA GLU A 76 -3.49 -3.18 0.26
C GLU A 76 -2.31 -4.04 0.66
N ASN A 77 -1.94 -4.10 1.91
CA ASN A 77 -0.77 -4.74 2.51
C ASN A 77 -1.22 -5.82 3.44
N SER A 78 -0.67 -7.06 3.29
CA SER A 78 -1.15 -8.18 4.17
C SER A 78 -0.09 -8.54 5.26
N VAL A 79 -0.62 -8.55 6.50
CA VAL A 79 0.31 -8.95 7.59
C VAL A 79 0.94 -10.30 7.26
N ASP A 80 0.19 -11.08 6.48
CA ASP A 80 0.71 -12.47 6.22
C ASP A 80 1.90 -12.52 5.25
N GLN A 81 1.92 -11.61 4.35
CA GLN A 81 2.98 -11.39 3.34
C GLN A 81 4.13 -10.77 4.06
N ILE A 82 3.93 -9.69 4.80
CA ILE A 82 4.94 -8.99 5.56
C ILE A 82 5.65 -10.05 6.40
N LYS A 83 4.92 -10.77 7.26
CA LYS A 83 5.60 -11.86 8.04
C LYS A 83 6.31 -12.86 7.00
N ASP A 84 5.47 -13.45 6.19
CA ASP A 84 5.99 -14.31 5.19
C ASP A 84 7.30 -13.76 4.63
N VAL A 85 7.42 -12.45 4.31
CA VAL A 85 8.58 -11.83 3.78
C VAL A 85 9.64 -11.48 4.93
N GLY A 86 9.43 -11.75 6.12
CA GLY A 86 10.56 -11.38 7.13
C GLY A 86 10.15 -10.46 8.30
N ALA A 87 9.51 -9.37 8.12
CA ALA A 87 9.00 -8.30 8.94
C ALA A 87 8.28 -8.85 10.15
N LYS A 88 8.33 -7.95 11.17
CA LYS A 88 7.77 -8.46 12.48
C LYS A 88 6.77 -7.58 13.18
N TRP A 89 6.69 -6.40 12.85
CA TRP A 89 5.95 -5.23 13.30
C TRP A 89 5.10 -4.71 12.13
N VAL A 90 4.30 -3.69 12.33
CA VAL A 90 3.46 -3.06 11.39
C VAL A 90 3.09 -1.76 12.11
N ILE A 91 3.23 -0.62 11.50
CA ILE A 91 2.78 0.59 12.13
C ILE A 91 1.30 0.77 11.98
N LEU A 92 0.51 1.26 12.90
CA LEU A 92 -0.91 1.44 12.61
C LEU A 92 -1.41 2.81 13.04
N GLY A 93 -2.44 3.36 12.39
CA GLY A 93 -3.04 4.61 12.75
C GLY A 93 -2.17 5.82 12.77
N HIS A 94 -1.09 5.81 12.02
CA HIS A 94 -0.19 6.96 11.87
C HIS A 94 -1.13 8.15 11.46
N SER A 95 -0.65 9.32 11.70
CA SER A 95 -1.53 10.52 11.52
C SER A 95 -1.58 10.68 9.97
N GLU A 96 -0.64 10.13 9.35
CA GLU A 96 -0.66 10.20 7.83
C GLU A 96 -1.73 9.34 7.26
N ARG A 97 -2.37 8.48 8.03
CA ARG A 97 -3.48 7.67 7.61
C ARG A 97 -4.77 8.19 8.10
N ARG A 98 -4.86 8.69 9.27
CA ARG A 98 -6.02 9.32 9.99
C ARG A 98 -6.41 10.62 9.33
N SER A 99 -5.49 11.26 8.66
CA SER A 99 -6.03 12.62 8.05
C SER A 99 -5.99 12.44 6.61
N TYR A 100 -4.82 12.07 6.04
CA TYR A 100 -4.77 11.89 4.59
C TYR A 100 -5.78 10.79 4.16
N PHE A 101 -5.88 9.69 4.83
CA PHE A 101 -6.69 8.56 4.40
C PHE A 101 -8.05 8.22 4.99
N HIS A 102 -8.54 9.02 5.82
CA HIS A 102 -9.86 8.98 6.53
C HIS A 102 -10.00 7.66 7.23
N GLU A 103 -8.91 7.23 7.78
CA GLU A 103 -8.83 6.04 8.57
C GLU A 103 -9.27 6.42 9.98
N ASP A 104 -10.39 5.91 10.34
CA ASP A 104 -11.11 6.08 11.63
C ASP A 104 -10.45 5.17 12.69
N ASP A 105 -10.89 5.43 13.97
CA ASP A 105 -10.38 4.72 15.12
C ASP A 105 -10.51 3.23 15.08
N LYS A 106 -11.79 2.88 14.77
CA LYS A 106 -12.40 1.64 14.62
C LYS A 106 -11.55 0.82 13.61
N PHE A 107 -11.40 1.44 12.40
CA PHE A 107 -10.57 0.62 11.31
C PHE A 107 -9.33 0.32 12.10
N ILE A 108 -8.66 1.43 12.43
CA ILE A 108 -7.31 1.28 13.19
C ILE A 108 -7.51 0.21 14.25
N ALA A 109 -8.73 0.08 14.78
CA ALA A 109 -8.94 -0.88 15.89
C ALA A 109 -9.12 -2.33 15.51
N ASP A 110 -9.49 -2.58 14.31
CA ASP A 110 -9.70 -4.00 13.75
C ASP A 110 -8.30 -4.38 13.25
N LYS A 111 -7.65 -3.40 12.61
CA LYS A 111 -6.33 -3.57 12.06
C LYS A 111 -5.51 -4.13 13.16
N THR A 112 -5.32 -3.36 14.24
CA THR A 112 -4.60 -3.62 15.38
C THR A 112 -4.77 -5.04 15.86
N LYS A 113 -5.75 -5.45 16.46
CA LYS A 113 -6.11 -6.72 16.98
C LYS A 113 -5.94 -7.92 16.05
N PHE A 114 -6.25 -7.64 14.78
CA PHE A 114 -6.10 -8.70 13.81
C PHE A 114 -4.68 -9.17 13.68
N ALA A 115 -3.82 -8.18 13.44
CA ALA A 115 -2.38 -8.30 13.24
C ALA A 115 -1.68 -8.93 14.45
N LEU A 116 -2.35 -8.62 15.56
CA LEU A 116 -1.74 -9.23 16.80
C LEU A 116 -2.34 -10.64 16.71
N GLY A 117 -3.49 -10.79 15.97
CA GLY A 117 -4.04 -12.11 15.83
C GLY A 117 -3.00 -13.06 15.13
N GLN A 118 -2.47 -12.53 14.02
CA GLN A 118 -1.56 -13.17 13.17
C GLN A 118 -0.17 -13.35 13.74
N GLY A 119 0.00 -12.61 14.84
CA GLY A 119 1.33 -12.65 15.65
C GLY A 119 2.34 -11.74 15.00
N VAL A 120 1.91 -10.49 14.75
CA VAL A 120 2.91 -9.48 14.15
C VAL A 120 3.00 -8.41 15.26
N GLY A 121 3.99 -7.60 15.20
CA GLY A 121 4.18 -6.53 16.25
C GLY A 121 3.40 -5.36 15.68
N VAL A 122 2.79 -4.58 16.49
CA VAL A 122 2.03 -3.34 16.22
C VAL A 122 2.54 -2.15 16.97
N ILE A 123 2.95 -1.18 16.27
CA ILE A 123 3.38 0.13 16.75
C ILE A 123 2.17 1.03 16.50
N LEU A 124 1.27 1.23 17.35
CA LEU A 124 0.07 2.04 17.41
C LEU A 124 0.28 3.48 17.51
N CYS A 125 -0.21 4.30 16.56
CA CYS A 125 0.06 5.69 16.57
C CYS A 125 -1.30 6.46 16.98
N ILE A 126 -0.96 7.33 17.95
CA ILE A 126 -1.81 8.25 18.65
C ILE A 126 -1.24 9.62 18.69
N GLY A 127 -2.02 10.65 18.95
CA GLY A 127 -1.61 12.08 19.04
C GLY A 127 -2.77 13.02 18.84
N GLU A 128 -2.47 14.27 18.97
CA GLU A 128 -3.36 15.42 18.90
C GLU A 128 -2.82 16.59 18.06
N THR A 129 -3.77 17.26 17.41
CA THR A 129 -3.73 18.36 16.52
C THR A 129 -3.59 19.73 17.38
N LEU A 130 -2.96 20.66 16.76
CA LEU A 130 -2.62 21.95 17.40
C LEU A 130 -3.86 22.51 18.00
N GLU A 131 -4.97 22.17 17.50
CA GLU A 131 -6.33 22.52 17.82
C GLU A 131 -6.79 21.86 19.12
N GLU A 132 -6.43 20.54 19.28
CA GLU A 132 -6.93 19.87 20.52
C GLU A 132 -6.12 20.43 21.71
N LYS A 133 -4.87 20.69 21.38
CA LYS A 133 -3.94 21.22 22.35
C LYS A 133 -4.67 22.48 22.95
N LYS A 134 -4.65 23.51 22.17
CA LYS A 134 -5.23 24.78 22.50
C LYS A 134 -6.59 24.72 23.16
N ALA A 135 -7.38 23.68 23.02
CA ALA A 135 -8.65 23.33 23.57
C ALA A 135 -8.49 22.53 24.87
N GLY A 136 -7.19 22.47 25.17
CA GLY A 136 -6.64 21.82 26.29
C GLY A 136 -6.59 20.32 26.14
N LYS A 137 -7.67 19.68 26.63
CA LYS A 137 -7.66 18.24 26.58
C LYS A 137 -7.36 17.68 25.15
N THR A 138 -6.24 17.04 25.17
CA THR A 138 -5.37 16.32 24.37
C THR A 138 -5.40 14.82 24.72
N LEU A 139 -5.82 14.69 25.96
CA LEU A 139 -5.90 13.46 26.68
C LEU A 139 -7.19 12.77 26.41
N ASP A 140 -8.11 13.56 25.97
CA ASP A 140 -9.46 13.00 25.50
C ASP A 140 -8.95 12.23 24.31
N VAL A 141 -8.64 13.00 23.30
CA VAL A 141 -8.26 12.51 21.98
C VAL A 141 -7.46 11.25 22.06
N VAL A 142 -6.47 11.18 22.88
CA VAL A 142 -5.60 10.00 22.96
C VAL A 142 -6.25 8.84 23.70
N GLU A 143 -7.30 9.18 24.47
CA GLU A 143 -8.04 8.18 25.26
C GLU A 143 -9.28 7.75 24.42
N ARG A 144 -9.79 8.64 23.63
CA ARG A 144 -10.89 8.31 22.67
C ARG A 144 -10.37 7.35 21.64
N GLN A 145 -9.13 7.59 21.23
CA GLN A 145 -8.41 6.73 20.22
C GLN A 145 -7.79 5.47 20.85
N LEU A 146 -7.51 5.57 22.15
CA LEU A 146 -6.82 4.39 22.78
C LEU A 146 -7.75 3.36 23.34
N ASN A 147 -9.00 3.77 23.49
CA ASN A 147 -10.16 3.03 23.87
C ASN A 147 -10.52 2.23 22.62
N ALA A 148 -10.83 3.05 21.58
CA ALA A 148 -11.17 2.28 20.30
C ALA A 148 -10.39 1.04 20.21
N VAL A 149 -9.17 0.90 20.86
CA VAL A 149 -8.39 -0.31 20.74
C VAL A 149 -8.71 -1.29 21.84
N LEU A 150 -8.82 -0.82 23.03
CA LEU A 150 -9.07 -1.59 24.25
C LEU A 150 -10.31 -2.55 24.16
N GLU A 151 -11.30 -1.94 23.47
CA GLU A 151 -12.56 -2.76 23.32
C GLU A 151 -12.18 -4.06 22.68
N GLU A 152 -11.20 -4.00 21.77
CA GLU A 152 -10.82 -5.14 21.06
C GLU A 152 -9.64 -5.99 21.48
N VAL A 153 -8.62 -5.30 21.89
CA VAL A 153 -7.29 -5.93 22.31
C VAL A 153 -7.20 -6.01 23.79
N LYS A 154 -7.22 -7.25 24.30
CA LYS A 154 -7.08 -7.55 25.75
C LYS A 154 -5.59 -7.65 26.05
N ASP A 155 -4.89 -8.57 25.61
CA ASP A 155 -3.44 -8.78 25.72
C ASP A 155 -2.68 -7.83 24.75
N TRP A 156 -1.86 -6.93 25.46
CA TRP A 156 -1.08 -5.92 24.81
C TRP A 156 0.35 -6.28 24.81
N THR A 157 0.62 -7.42 25.39
CA THR A 157 2.04 -7.83 25.49
C THR A 157 2.82 -7.36 24.28
N ASN A 158 2.22 -7.22 23.13
CA ASN A 158 2.88 -6.87 21.85
C ASN A 158 2.82 -5.45 21.31
N VAL A 159 1.93 -4.63 21.72
CA VAL A 159 1.76 -3.25 21.27
C VAL A 159 2.85 -2.36 21.82
N VAL A 160 3.36 -1.38 21.07
CA VAL A 160 4.32 -0.36 21.56
C VAL A 160 3.52 0.98 21.27
N VAL A 161 3.01 1.69 22.23
CA VAL A 161 2.22 2.92 21.89
C VAL A 161 3.29 3.95 21.52
N ALA A 162 2.84 4.70 20.50
CA ALA A 162 3.73 5.82 20.02
C ALA A 162 2.86 7.05 20.16
N TYR A 163 3.40 7.91 21.12
CA TYR A 163 2.67 9.16 21.35
C TYR A 163 3.26 10.17 20.38
N GLU A 164 2.43 10.66 19.47
CA GLU A 164 2.81 11.57 18.39
C GLU A 164 1.80 12.74 18.10
N PRO A 165 2.21 13.88 18.57
CA PRO A 165 1.52 15.18 18.42
C PRO A 165 1.65 15.56 16.96
N VAL A 166 0.52 15.83 16.32
CA VAL A 166 0.36 16.10 14.88
C VAL A 166 1.06 17.37 14.45
N TRP A 167 1.19 18.22 15.53
CA TRP A 167 1.84 19.51 15.28
C TRP A 167 3.36 19.27 15.28
N ALA A 168 3.83 18.15 15.73
CA ALA A 168 5.32 17.91 15.65
C ALA A 168 5.77 17.01 14.54
N ILE A 169 4.90 16.11 14.04
CA ILE A 169 5.28 15.29 12.84
C ILE A 169 5.84 16.27 11.81
N GLY A 170 7.11 16.10 11.46
CA GLY A 170 7.97 16.74 10.56
C GLY A 170 7.91 18.20 10.36
N THR A 171 7.75 18.90 11.49
CA THR A 171 7.62 20.33 11.53
C THR A 171 8.71 21.00 12.25
N GLY A 172 9.53 20.29 12.98
CA GLY A 172 10.72 20.98 13.66
C GLY A 172 10.34 21.47 14.98
N LEU A 173 9.14 21.23 15.46
CA LEU A 173 8.61 21.51 16.77
C LEU A 173 8.52 20.23 17.60
N ALA A 174 9.61 19.79 18.17
CA ALA A 174 9.58 18.56 19.02
C ALA A 174 8.75 18.92 20.21
N ALA A 175 8.29 18.11 21.12
CA ALA A 175 7.54 18.55 22.32
C ALA A 175 8.63 18.52 23.42
N THR A 176 8.42 19.36 24.43
CA THR A 176 9.37 19.45 25.47
C THR A 176 9.33 18.20 26.35
N PRO A 177 10.55 17.74 26.67
CA PRO A 177 10.66 16.56 27.53
C PRO A 177 9.67 16.41 28.64
N GLU A 178 9.38 17.54 29.32
CA GLU A 178 8.55 17.61 30.43
C GLU A 178 7.05 17.59 30.01
N ASP A 179 6.58 18.30 29.00
CA ASP A 179 5.10 18.09 28.74
C ASP A 179 4.96 16.67 28.05
N ALA A 180 5.96 16.25 27.34
CA ALA A 180 6.03 14.96 26.67
C ALA A 180 5.90 13.84 27.71
N GLN A 181 6.74 13.91 28.74
CA GLN A 181 6.77 12.87 29.76
C GLN A 181 5.46 12.82 30.56
N ASP A 182 4.81 13.96 30.63
CA ASP A 182 3.67 14.32 31.36
C ASP A 182 2.43 13.55 30.74
N ILE A 183 2.44 13.70 29.44
CA ILE A 183 1.45 13.06 28.56
C ILE A 183 1.58 11.58 28.73
N HIS A 184 2.80 11.04 28.83
CA HIS A 184 3.06 9.60 28.91
C HIS A 184 2.55 8.91 30.15
N ALA A 185 2.74 9.38 31.27
CA ALA A 185 2.30 8.90 32.58
C ALA A 185 0.77 8.74 32.41
N SER A 186 0.18 9.91 32.17
CA SER A 186 -1.28 9.87 31.91
C SER A 186 -1.65 8.60 31.10
N ILE A 187 -0.99 8.46 29.93
CA ILE A 187 -1.27 7.34 29.03
C ILE A 187 -1.19 5.99 29.88
N ARG A 188 -0.11 5.95 30.55
CA ARG A 188 0.35 4.84 31.37
C ARG A 188 -0.60 4.73 32.54
N LYS A 189 -1.01 5.91 32.99
CA LYS A 189 -2.00 5.91 34.13
C LYS A 189 -3.29 5.18 33.53
N PHE A 190 -3.67 5.92 32.47
CA PHE A 190 -4.86 5.56 31.67
C PHE A 190 -4.98 4.05 31.71
N LEU A 191 -4.22 3.50 30.82
CA LEU A 191 -4.09 2.01 30.56
C LEU A 191 -3.95 1.20 31.77
N ALA A 192 -3.42 1.88 32.81
CA ALA A 192 -3.19 1.17 34.12
C ALA A 192 -4.59 0.66 34.62
N SER A 193 -5.52 1.55 34.67
CA SER A 193 -6.86 1.40 35.19
C SER A 193 -7.69 0.39 34.35
N LYS A 194 -7.13 -0.08 33.27
CA LYS A 194 -7.67 -0.94 32.32
C LYS A 194 -6.78 -2.12 32.06
N LEU A 195 -5.57 -1.96 31.44
CA LEU A 195 -4.72 -3.18 31.12
C LEU A 195 -4.19 -3.74 32.38
N GLY A 196 -4.32 -3.14 33.53
CA GLY A 196 -3.77 -3.56 34.82
C GLY A 196 -2.36 -3.06 34.83
N ASP A 197 -1.81 -2.69 35.97
CA ASP A 197 -0.51 -2.09 36.10
C ASP A 197 0.59 -2.99 35.87
N LYS A 198 0.62 -4.34 36.05
CA LYS A 198 1.80 -5.01 35.59
C LYS A 198 1.90 -4.80 34.05
N ALA A 199 0.73 -4.60 33.44
CA ALA A 199 0.78 -4.47 31.96
C ALA A 199 1.36 -3.10 31.63
N ALA A 200 0.63 -2.09 32.15
CA ALA A 200 1.11 -0.74 31.88
C ALA A 200 2.53 -0.50 32.26
N SER A 201 3.16 -1.38 33.07
CA SER A 201 4.51 -1.26 33.53
C SER A 201 5.56 -1.81 32.48
N GLU A 202 4.93 -2.73 31.78
CA GLU A 202 5.67 -3.37 30.67
C GLU A 202 5.29 -2.73 29.39
N LEU A 203 4.18 -2.03 29.26
CA LEU A 203 3.86 -1.45 27.96
C LEU A 203 4.99 -0.37 27.73
N ARG A 204 5.35 -0.32 26.45
CA ARG A 204 6.34 0.65 25.98
C ARG A 204 5.56 1.84 25.31
N ILE A 205 5.82 3.05 25.83
CA ILE A 205 5.10 4.19 25.14
C ILE A 205 6.17 5.13 24.63
N LEU A 206 6.13 5.26 23.28
CA LEU A 206 7.13 6.01 22.53
C LEU A 206 6.75 7.49 22.24
N TYR A 207 7.79 8.29 21.98
CA TYR A 207 7.59 9.64 21.53
C TYR A 207 8.12 9.83 20.12
N GLY A 208 7.38 10.41 19.32
CA GLY A 208 7.69 10.74 17.88
C GLY A 208 7.10 12.19 17.69
N GLY A 209 7.60 12.91 16.79
CA GLY A 209 7.26 14.28 16.51
C GLY A 209 8.51 15.17 16.45
N SER A 210 9.21 15.06 15.34
CA SER A 210 10.51 15.76 15.16
C SER A 210 11.55 15.36 16.26
N ALA A 211 11.81 14.06 16.38
CA ALA A 211 12.86 13.58 17.33
C ALA A 211 14.05 13.53 16.36
N ASN A 212 15.10 14.14 16.71
CA ASN A 212 16.31 14.22 15.76
C ASN A 212 17.51 13.86 16.59
N GLY A 213 18.61 13.39 16.01
CA GLY A 213 19.82 13.06 16.73
C GLY A 213 20.00 14.08 17.90
N SER A 214 20.25 15.29 17.54
CA SER A 214 20.42 16.37 18.52
C SER A 214 19.49 16.44 19.69
N ASN A 215 18.21 16.42 19.68
CA ASN A 215 17.30 16.52 20.83
C ASN A 215 17.05 15.18 21.59
N ALA A 216 17.55 14.11 21.13
CA ALA A 216 17.46 12.76 21.72
C ALA A 216 17.98 12.70 23.14
N VAL A 217 19.13 13.35 23.41
CA VAL A 217 19.73 13.28 24.70
C VAL A 217 18.95 14.05 25.70
N THR A 218 18.20 14.97 25.12
CA THR A 218 17.39 15.89 25.96
C THR A 218 16.32 15.18 26.73
N PHE A 219 16.16 13.90 26.36
CA PHE A 219 15.11 13.02 26.83
C PHE A 219 15.50 11.81 27.64
N LYS A 220 16.73 11.58 27.78
CA LYS A 220 17.57 10.50 28.30
C LYS A 220 17.37 9.91 29.69
N ASP A 221 16.42 10.51 30.49
CA ASP A 221 16.24 10.06 31.90
C ASP A 221 14.79 10.24 32.35
N LYS A 222 13.95 10.47 31.29
CA LYS A 222 12.52 10.60 31.48
C LYS A 222 12.04 9.14 31.61
N ALA A 223 11.10 8.98 32.62
CA ALA A 223 10.54 7.64 32.92
C ALA A 223 9.56 7.03 32.02
N ASP A 224 8.71 7.82 31.36
CA ASP A 224 7.63 7.33 30.54
C ASP A 224 7.98 7.45 29.08
N VAL A 225 9.17 8.02 28.83
CA VAL A 225 9.59 8.08 27.35
C VAL A 225 10.57 7.00 27.17
N ASP A 226 10.07 5.86 26.83
CA ASP A 226 10.83 4.61 26.67
C ASP A 226 11.26 4.39 25.20
N GLY A 227 11.16 5.41 24.41
CA GLY A 227 11.66 5.26 22.97
C GLY A 227 11.26 6.36 22.04
N PHE A 228 11.49 5.95 20.75
CA PHE A 228 11.17 6.76 19.63
C PHE A 228 10.70 6.10 18.39
N LEU A 229 9.91 6.84 17.72
CA LEU A 229 9.42 6.61 16.40
C LEU A 229 9.76 7.92 15.69
N VAL A 230 10.86 7.79 14.98
CA VAL A 230 11.54 8.73 14.15
C VAL A 230 11.28 8.57 12.68
N GLY A 231 10.78 9.57 12.02
CA GLY A 231 10.50 9.53 10.61
C GLY A 231 11.63 10.05 9.79
N GLY A 232 11.64 11.32 9.54
CA GLY A 232 12.52 12.19 8.90
C GLY A 232 13.98 12.00 8.99
N ALA A 233 14.48 11.56 10.13
CA ALA A 233 15.98 11.53 10.32
C ALA A 233 16.36 10.08 10.51
N SER A 234 15.35 9.27 10.50
CA SER A 234 15.56 7.77 10.55
C SER A 234 16.28 7.48 9.22
N LEU A 235 16.20 8.53 8.41
CA LEU A 235 16.85 8.57 7.07
C LEU A 235 18.30 8.96 7.11
N LYS A 236 18.58 9.93 7.98
CA LYS A 236 19.97 10.47 8.18
C LYS A 236 20.78 9.54 9.08
N PRO A 237 22.04 9.71 8.96
CA PRO A 237 23.09 9.00 9.74
C PRO A 237 22.89 9.24 11.24
N GLU A 238 22.27 10.32 11.59
CA GLU A 238 21.85 10.94 12.79
C GLU A 238 20.75 10.19 13.50
N PHE A 239 20.25 9.11 12.87
CA PHE A 239 19.19 8.20 13.37
C PHE A 239 19.78 7.33 14.45
N VAL A 240 21.14 7.09 14.18
CA VAL A 240 21.92 6.27 15.07
C VAL A 240 22.26 7.04 16.34
N ASP A 241 22.29 8.31 16.17
CA ASP A 241 22.55 9.16 17.36
C ASP A 241 21.43 9.00 18.38
N ILE A 242 20.24 8.87 17.82
CA ILE A 242 18.98 8.77 18.54
C ILE A 242 18.93 7.52 19.42
N ILE A 243 19.41 6.48 18.87
CA ILE A 243 19.37 5.16 19.52
C ILE A 243 20.48 5.01 20.57
N ASN A 244 21.55 5.72 20.33
CA ASN A 244 22.70 5.69 21.22
C ASN A 244 22.55 6.73 22.29
N SER A 245 21.39 7.37 22.57
CA SER A 245 21.25 8.41 23.63
C SER A 245 20.74 7.97 24.97
N ARG A 246 20.48 6.67 25.19
CA ARG A 246 19.96 6.13 26.39
C ARG A 246 18.73 6.53 27.06
N ASN A 247 17.64 6.66 26.53
CA ASN A 247 16.35 7.16 27.10
C ASN A 247 15.33 6.05 27.48
N ALA B 1 -2.01 -7.58 -34.02
CA ALA B 1 -2.63 -6.51 -34.91
C ALA B 1 -2.54 -5.17 -34.16
N ARG B 2 -3.30 -5.15 -33.06
CA ARG B 2 -3.25 -3.90 -32.18
C ARG B 2 -3.42 -4.60 -30.84
N THR B 3 -2.34 -5.26 -30.53
CA THR B 3 -1.77 -6.14 -29.52
C THR B 3 -2.44 -6.49 -28.23
N PHE B 4 -2.71 -7.78 -28.10
CA PHE B 4 -3.37 -8.50 -27.02
C PHE B 4 -2.67 -8.43 -25.66
N PHE B 5 -3.36 -7.93 -24.78
CA PHE B 5 -3.05 -7.69 -23.37
C PHE B 5 -3.99 -8.47 -22.38
N VAL B 6 -3.42 -9.40 -21.61
CA VAL B 6 -4.19 -10.10 -20.57
C VAL B 6 -3.43 -9.83 -19.13
N GLY B 7 -4.14 -8.84 -18.45
CA GLY B 7 -3.63 -8.43 -17.14
C GLY B 7 -4.14 -9.38 -16.04
N GLY B 8 -3.15 -9.76 -15.19
CA GLY B 8 -3.50 -10.65 -14.02
C GLY B 8 -3.22 -9.95 -12.78
N ASN B 9 -4.21 -9.52 -12.06
CA ASN B 9 -4.25 -8.82 -10.83
C ASN B 9 -4.49 -9.73 -9.63
N PHE B 10 -3.42 -9.93 -8.89
CA PHE B 10 -3.53 -10.80 -7.69
C PHE B 10 -4.30 -10.22 -6.54
N LYS B 11 -4.77 -8.98 -6.52
CA LYS B 11 -5.50 -8.47 -5.37
C LYS B 11 -4.66 -8.75 -4.12
N LEU B 12 -5.25 -9.23 -2.99
CA LEU B 12 -4.43 -9.52 -1.83
C LEU B 12 -4.12 -11.03 -1.73
N ASN B 13 -3.42 -11.48 -2.73
CA ASN B 13 -3.03 -12.92 -2.88
C ASN B 13 -1.67 -13.03 -3.48
N GLY B 14 -0.92 -14.07 -3.02
CA GLY B 14 0.39 -14.45 -3.40
C GLY B 14 1.18 -14.70 -2.04
N SER B 15 2.19 -15.48 -2.09
CA SER B 15 3.14 -16.09 -1.21
C SER B 15 4.39 -16.10 -2.04
N LYS B 16 5.63 -16.30 -1.57
CA LYS B 16 6.79 -16.16 -2.42
C LYS B 16 6.90 -17.31 -3.34
N GLN B 17 6.23 -18.35 -3.00
CA GLN B 17 6.01 -19.61 -3.62
C GLN B 17 4.82 -19.65 -4.55
N SER B 18 3.76 -18.92 -4.10
CA SER B 18 2.56 -18.81 -5.00
C SER B 18 3.17 -18.01 -6.18
N ILE B 19 3.38 -16.78 -5.90
CA ILE B 19 4.05 -15.93 -6.95
C ILE B 19 4.99 -16.67 -7.78
N LYS B 20 5.79 -17.64 -7.28
CA LYS B 20 6.81 -18.27 -8.19
C LYS B 20 6.22 -19.34 -9.13
N GLU B 21 5.40 -20.22 -8.60
CA GLU B 21 4.74 -21.34 -9.30
C GLU B 21 3.99 -20.67 -10.49
N ILE B 22 3.26 -19.63 -10.07
CA ILE B 22 2.50 -18.76 -10.99
C ILE B 22 3.45 -18.36 -12.09
N VAL B 23 4.53 -17.73 -11.69
CA VAL B 23 5.59 -17.15 -12.48
C VAL B 23 6.36 -18.15 -13.37
N GLU B 24 6.61 -19.31 -12.77
CA GLU B 24 7.32 -20.39 -13.61
C GLU B 24 6.45 -21.11 -14.62
N ARG B 25 5.29 -21.57 -14.17
CA ARG B 25 4.29 -22.04 -15.11
C ARG B 25 4.22 -21.12 -16.34
N LEU B 26 4.20 -19.77 -16.06
CA LEU B 26 4.09 -18.80 -17.19
C LEU B 26 5.52 -18.93 -17.90
N ASN B 27 6.57 -18.90 -17.15
CA ASN B 27 7.88 -18.94 -17.66
C ASN B 27 8.09 -20.11 -18.53
N THR B 28 7.24 -21.09 -18.30
CA THR B 28 7.29 -22.41 -18.95
C THR B 28 6.14 -22.88 -19.73
N ALA B 29 5.03 -22.12 -19.97
CA ALA B 29 3.89 -22.56 -20.77
C ALA B 29 3.79 -21.81 -22.08
N SER B 30 3.86 -22.52 -23.15
CA SER B 30 3.75 -22.03 -24.61
C SER B 30 2.50 -21.21 -24.80
N ILE B 31 2.63 -19.81 -24.90
CA ILE B 31 1.35 -19.05 -25.05
C ILE B 31 1.57 -17.66 -25.64
N PRO B 32 2.50 -17.52 -26.55
CA PRO B 32 2.96 -16.38 -27.15
C PRO B 32 2.43 -15.13 -27.82
N GLU B 33 3.55 -14.77 -28.56
CA GLU B 33 3.80 -13.68 -29.47
C GLU B 33 3.28 -12.27 -29.24
N ASN B 34 2.21 -11.94 -29.85
CA ASN B 34 1.70 -10.59 -29.86
C ASN B 34 0.90 -10.39 -28.54
N VAL B 35 1.16 -11.36 -27.68
CA VAL B 35 0.46 -11.32 -26.34
C VAL B 35 1.52 -10.59 -25.45
N GLU B 36 0.92 -9.83 -24.55
CA GLU B 36 1.61 -9.08 -23.53
C GLU B 36 1.02 -9.33 -22.16
N VAL B 37 1.61 -10.01 -21.22
CA VAL B 37 0.99 -10.16 -19.88
C VAL B 37 1.83 -9.34 -18.89
N VAL B 38 1.11 -8.54 -18.12
CA VAL B 38 1.52 -7.74 -17.07
C VAL B 38 0.76 -8.34 -15.81
N ILE B 39 1.49 -9.07 -15.03
CA ILE B 39 1.01 -9.72 -13.80
C ILE B 39 1.21 -8.67 -12.65
N CYS B 40 0.37 -8.71 -11.66
CA CYS B 40 0.40 -7.70 -10.59
C CYS B 40 0.14 -8.28 -9.16
N PRO B 41 1.24 -8.46 -8.45
CA PRO B 41 1.24 -8.92 -7.11
C PRO B 41 1.27 -7.75 -6.10
N PRO B 42 1.21 -8.11 -4.86
CA PRO B 42 1.33 -7.15 -3.73
C PRO B 42 2.57 -6.39 -3.90
N ALA B 43 2.72 -5.22 -3.30
CA ALA B 43 3.90 -4.33 -3.23
C ALA B 43 5.14 -5.13 -2.69
N THR B 44 4.70 -5.96 -1.68
CA THR B 44 5.48 -6.87 -0.95
C THR B 44 6.14 -7.85 -1.87
N TYR B 45 5.49 -8.62 -2.72
CA TYR B 45 6.14 -9.59 -3.64
C TYR B 45 6.48 -8.95 -4.96
N LEU B 46 6.59 -7.70 -5.17
CA LEU B 46 6.85 -7.04 -6.45
C LEU B 46 8.19 -7.34 -6.96
N ASP B 47 9.36 -7.10 -6.36
CA ASP B 47 10.70 -7.29 -6.82
C ASP B 47 11.04 -8.76 -7.13
N TYR B 48 10.58 -9.68 -6.33
CA TYR B 48 10.77 -11.12 -6.47
C TYR B 48 10.10 -11.46 -7.75
N SER B 49 8.85 -10.98 -7.88
CA SER B 49 8.10 -11.30 -9.11
C SER B 49 9.01 -11.09 -10.31
N VAL B 50 9.34 -9.81 -10.55
CA VAL B 50 10.26 -9.45 -11.71
C VAL B 50 11.29 -10.52 -11.66
N SER B 51 12.31 -10.24 -10.91
CA SER B 51 13.39 -11.30 -10.71
C SER B 51 13.04 -12.58 -11.42
N LEU B 52 11.88 -13.10 -11.20
CA LEU B 52 11.34 -14.38 -11.81
C LEU B 52 10.77 -14.09 -13.21
N VAL B 53 10.02 -13.02 -13.41
CA VAL B 53 9.56 -12.73 -14.79
C VAL B 53 10.81 -12.10 -15.44
N LYS B 54 10.78 -10.83 -15.40
CA LYS B 54 11.44 -9.63 -15.80
C LYS B 54 10.61 -9.04 -17.00
N LYS B 55 10.88 -9.44 -18.22
CA LYS B 55 10.06 -8.87 -19.33
C LYS B 55 10.11 -9.35 -20.74
N PRO B 56 9.92 -10.58 -20.94
CA PRO B 56 9.83 -11.09 -22.36
C PRO B 56 8.52 -10.46 -22.71
N GLN B 57 7.50 -11.27 -22.73
CA GLN B 57 6.03 -10.90 -22.96
C GLN B 57 5.47 -10.70 -21.52
N VAL B 58 6.33 -11.15 -20.56
CA VAL B 58 5.90 -11.07 -19.12
C VAL B 58 6.57 -9.92 -18.45
N THR B 59 5.68 -9.02 -17.90
CA THR B 59 5.96 -7.83 -17.21
C THR B 59 5.08 -7.86 -15.92
N VAL B 60 5.55 -7.14 -14.88
CA VAL B 60 4.96 -6.92 -13.60
C VAL B 60 4.50 -5.42 -13.42
N GLY B 61 3.68 -5.27 -12.51
CA GLY B 61 2.95 -4.09 -12.07
C GLY B 61 2.53 -4.29 -10.62
N ALA B 62 1.96 -3.24 -10.03
CA ALA B 62 1.58 -3.04 -8.67
C ALA B 62 0.13 -2.77 -8.53
N GLN B 63 -0.59 -3.10 -7.49
CA GLN B 63 -2.07 -2.81 -7.52
C GLN B 63 -2.35 -1.39 -7.24
N ASN B 64 -1.45 -0.58 -6.81
CA ASN B 64 -1.82 0.86 -6.48
C ASN B 64 -0.59 1.57 -6.10
N ALA B 65 -0.66 2.83 -6.22
CA ALA B 65 0.42 3.80 -5.95
C ALA B 65 -0.26 5.11 -5.67
N TYR B 66 0.44 6.04 -5.10
CA TYR B 66 -0.08 7.40 -4.75
C TYR B 66 0.41 8.43 -5.77
N LEU B 67 -0.07 9.62 -5.64
CA LEU B 67 0.22 10.77 -6.52
C LEU B 67 1.46 11.56 -6.35
N LYS B 68 2.40 11.25 -5.49
CA LYS B 68 3.65 12.07 -5.34
C LYS B 68 4.71 11.03 -5.31
N ALA B 69 5.92 11.13 -5.83
CA ALA B 69 6.90 10.02 -5.91
C ALA B 69 7.68 9.80 -4.64
N SER B 70 7.45 10.79 -3.78
CA SER B 70 8.21 10.67 -2.46
C SER B 70 7.66 11.63 -1.50
N GLY B 71 7.91 11.40 -0.21
CA GLY B 71 7.47 12.32 0.89
C GLY B 71 6.92 11.45 1.97
N ALA B 72 6.34 12.10 2.90
CA ALA B 72 5.70 11.68 4.12
C ALA B 72 4.25 11.19 3.93
N PHE B 73 4.16 10.06 3.38
CA PHE B 73 2.68 9.52 3.25
C PHE B 73 2.87 8.02 3.65
N THR B 74 2.57 7.92 4.91
CA THR B 74 2.85 6.59 5.64
C THR B 74 1.99 5.61 5.00
N GLY B 75 2.51 4.41 4.59
CA GLY B 75 1.65 3.43 3.93
C GLY B 75 1.66 3.39 2.44
N GLU B 76 1.54 4.49 1.73
CA GLU B 76 1.61 4.62 0.32
C GLU B 76 2.63 3.81 -0.43
N ASN B 77 2.37 3.76 -1.77
CA ASN B 77 3.24 3.12 -2.78
C ASN B 77 3.67 4.30 -3.66
N SER B 78 4.91 4.16 -4.17
CA SER B 78 5.46 5.34 -4.94
C SER B 78 5.79 4.98 -6.38
N VAL B 79 5.09 5.64 -7.32
CA VAL B 79 5.46 5.32 -8.72
C VAL B 79 6.92 4.87 -8.78
N ASP B 80 7.82 5.85 -8.42
CA ASP B 80 9.24 5.80 -8.46
C ASP B 80 9.90 4.59 -7.81
N GLN B 81 9.35 3.94 -6.90
CA GLN B 81 9.92 2.75 -6.28
C GLN B 81 9.47 1.51 -7.04
N ILE B 82 8.24 1.62 -7.67
CA ILE B 82 7.80 0.41 -8.45
C ILE B 82 8.61 0.50 -9.70
N LYS B 83 9.07 1.70 -10.08
CA LYS B 83 9.91 1.83 -11.29
C LYS B 83 11.31 1.19 -11.06
N ASP B 84 11.80 1.65 -9.93
CA ASP B 84 13.18 1.19 -9.42
C ASP B 84 13.30 -0.29 -9.34
N VAL B 85 12.32 -0.95 -8.82
CA VAL B 85 12.40 -2.40 -8.55
C VAL B 85 12.26 -3.20 -9.82
N GLY B 86 12.10 -2.59 -10.94
CA GLY B 86 11.93 -3.09 -12.33
C GLY B 86 10.49 -3.36 -12.69
N ALA B 87 9.50 -2.55 -12.22
CA ALA B 87 8.11 -2.80 -12.43
C ALA B 87 7.78 -1.96 -13.64
N LYS B 88 6.79 -2.30 -14.49
CA LYS B 88 6.56 -1.36 -15.62
C LYS B 88 5.13 -0.73 -15.55
N TRP B 89 4.30 -1.41 -14.82
CA TRP B 89 2.85 -0.94 -14.77
C TRP B 89 2.27 -0.59 -13.46
N VAL B 90 1.13 -0.02 -13.34
CA VAL B 90 0.40 0.32 -12.12
C VAL B 90 -1.11 0.35 -12.38
N ILE B 91 -1.72 -0.58 -11.68
CA ILE B 91 -3.24 -0.61 -11.83
C ILE B 91 -3.52 0.66 -11.05
N LEU B 92 -4.31 1.49 -11.57
CA LEU B 92 -4.75 2.75 -11.06
C LEU B 92 -6.20 2.83 -11.19
N GLY B 93 -7.05 3.23 -10.19
CA GLY B 93 -8.41 3.34 -10.48
C GLY B 93 -9.31 2.20 -10.43
N HIS B 94 -8.96 0.98 -10.12
CA HIS B 94 -9.81 -0.17 -9.83
C HIS B 94 -10.92 0.15 -8.83
N SER B 95 -12.00 -0.60 -8.93
CA SER B 95 -13.27 -0.55 -8.18
C SER B 95 -13.07 -0.79 -6.70
N GLU B 96 -11.96 -1.40 -6.43
CA GLU B 96 -11.72 -1.71 -4.93
C GLU B 96 -11.28 -0.46 -4.26
N ARG B 97 -10.21 0.16 -4.72
CA ARG B 97 -9.86 1.47 -4.11
C ARG B 97 -10.98 2.39 -4.06
N ARG B 98 -11.65 2.59 -5.19
CA ARG B 98 -12.73 3.50 -5.42
C ARG B 98 -13.95 3.38 -4.46
N SER B 99 -14.23 2.23 -3.93
CA SER B 99 -15.40 2.06 -3.08
C SER B 99 -14.95 2.05 -1.63
N TYR B 100 -14.23 1.00 -1.25
CA TYR B 100 -13.74 0.80 0.07
C TYR B 100 -12.64 1.94 0.35
N PHE B 101 -11.74 2.16 -0.48
CA PHE B 101 -10.64 3.13 -0.13
C PHE B 101 -10.90 4.53 -0.55
N HIS B 102 -12.07 4.81 -1.01
CA HIS B 102 -12.79 5.94 -1.61
C HIS B 102 -12.04 6.97 -2.43
N GLU B 103 -11.04 6.54 -3.13
CA GLU B 103 -10.30 7.46 -4.08
C GLU B 103 -11.27 7.81 -5.20
N ASP B 104 -11.21 9.01 -5.89
CA ASP B 104 -12.21 9.42 -6.83
C ASP B 104 -11.76 9.91 -8.15
N ASP B 105 -12.67 10.13 -9.08
CA ASP B 105 -12.33 10.49 -10.45
C ASP B 105 -11.14 11.44 -10.50
N LYS B 106 -11.15 12.45 -9.67
CA LYS B 106 -10.10 13.47 -9.66
C LYS B 106 -8.84 12.98 -9.08
N PHE B 107 -9.03 12.09 -8.11
CA PHE B 107 -7.84 11.45 -7.42
C PHE B 107 -7.09 10.65 -8.47
N ILE B 108 -7.85 9.79 -9.05
CA ILE B 108 -7.49 8.72 -10.04
C ILE B 108 -6.79 9.35 -11.20
N ALA B 109 -7.38 10.52 -11.44
CA ALA B 109 -7.01 11.42 -12.53
C ALA B 109 -5.55 11.93 -12.36
N ASP B 110 -5.41 12.62 -11.21
CA ASP B 110 -4.12 13.26 -10.83
C ASP B 110 -3.03 12.20 -10.64
N LYS B 111 -3.47 10.93 -10.42
CA LYS B 111 -2.51 9.86 -10.25
C LYS B 111 -2.21 9.14 -11.62
N THR B 112 -3.21 9.05 -12.45
CA THR B 112 -2.91 8.47 -13.79
C THR B 112 -1.82 9.44 -14.32
N LYS B 113 -2.13 10.71 -14.14
CA LYS B 113 -1.22 11.81 -14.53
C LYS B 113 0.19 11.68 -14.00
N PHE B 114 0.36 11.91 -12.68
CA PHE B 114 1.69 11.81 -12.12
C PHE B 114 2.41 10.46 -12.58
N ALA B 115 1.54 9.44 -12.68
CA ALA B 115 1.94 8.06 -13.05
C ALA B 115 2.69 7.95 -14.37
N LEU B 116 2.02 8.42 -15.44
CA LEU B 116 2.71 8.36 -16.74
C LEU B 116 3.84 9.35 -16.77
N GLY B 117 3.65 10.45 -16.05
CA GLY B 117 4.74 11.47 -15.90
C GLY B 117 6.10 10.70 -15.79
N GLN B 118 6.21 9.79 -14.86
CA GLN B 118 7.36 8.96 -14.63
C GLN B 118 7.60 7.88 -15.64
N GLY B 119 6.67 7.80 -16.61
CA GLY B 119 6.75 6.83 -17.75
C GLY B 119 6.65 5.37 -17.30
N VAL B 120 5.51 5.06 -16.74
CA VAL B 120 5.04 3.79 -16.25
C VAL B 120 3.60 3.77 -16.88
N GLY B 121 3.12 2.65 -17.32
CA GLY B 121 1.76 2.74 -17.95
C GLY B 121 0.79 2.75 -16.74
N VAL B 122 -0.45 2.89 -17.10
CA VAL B 122 -1.54 2.79 -16.13
C VAL B 122 -2.51 1.81 -16.71
N ILE B 123 -3.18 1.14 -15.82
CA ILE B 123 -4.26 0.17 -16.10
C ILE B 123 -5.42 0.80 -15.37
N LEU B 124 -6.10 1.73 -16.09
CA LEU B 124 -7.21 2.55 -15.74
C LEU B 124 -8.50 1.81 -15.81
N CYS B 125 -8.91 1.44 -14.66
CA CYS B 125 -10.17 0.65 -14.55
C CYS B 125 -11.29 1.73 -14.56
N ILE B 126 -12.32 1.45 -15.31
CA ILE B 126 -13.53 2.31 -15.44
C ILE B 126 -14.64 1.26 -15.22
N GLY B 127 -15.82 1.50 -14.69
CA GLY B 127 -16.77 0.42 -14.54
C GLY B 127 -18.08 0.92 -14.04
N GLU B 128 -19.16 0.20 -14.24
CA GLU B 128 -20.52 0.66 -13.79
C GLU B 128 -21.12 -0.23 -12.75
N THR B 129 -21.74 0.33 -11.77
CA THR B 129 -22.36 -0.34 -10.64
C THR B 129 -23.66 -0.93 -11.20
N LEU B 130 -24.20 -1.92 -10.52
CA LEU B 130 -25.43 -2.58 -11.02
C LEU B 130 -26.64 -1.73 -11.15
N GLU B 131 -26.65 -0.55 -10.74
CA GLU B 131 -27.77 0.42 -10.87
C GLU B 131 -27.47 1.16 -12.22
N GLU B 132 -26.18 1.74 -12.07
CA GLU B 132 -25.72 2.50 -13.33
C GLU B 132 -26.40 1.97 -14.52
N LYS B 133 -25.98 0.74 -14.78
CA LYS B 133 -26.30 -0.25 -15.80
C LYS B 133 -27.81 -0.16 -16.17
N LYS B 134 -28.70 -0.42 -15.16
CA LYS B 134 -30.12 -0.38 -15.47
C LYS B 134 -30.61 0.96 -15.83
N ALA B 135 -30.08 1.96 -15.29
CA ALA B 135 -30.49 3.37 -15.53
C ALA B 135 -29.76 3.81 -16.81
N GLY B 136 -29.21 2.74 -17.46
CA GLY B 136 -28.48 2.85 -18.69
C GLY B 136 -27.51 4.07 -18.73
N LYS B 137 -26.51 4.02 -17.92
CA LYS B 137 -25.54 5.19 -17.85
C LYS B 137 -24.10 4.80 -18.11
N THR B 138 -23.99 3.51 -18.18
CA THR B 138 -22.59 3.03 -18.39
C THR B 138 -21.90 3.77 -19.49
N LEU B 139 -22.62 4.52 -20.29
CA LEU B 139 -21.96 5.26 -21.46
C LEU B 139 -21.34 6.51 -20.89
N ASP B 140 -22.24 7.02 -20.00
CA ASP B 140 -22.15 8.19 -19.19
C ASP B 140 -21.07 8.12 -18.06
N VAL B 141 -21.18 6.99 -17.37
CA VAL B 141 -20.28 6.69 -16.24
C VAL B 141 -18.94 6.72 -16.88
N VAL B 142 -18.56 5.65 -17.35
CA VAL B 142 -17.35 5.37 -18.07
C VAL B 142 -16.72 6.63 -18.72
N GLU B 143 -17.70 7.26 -19.42
CA GLU B 143 -17.37 8.44 -20.25
C GLU B 143 -17.14 9.63 -19.35
N ARG B 144 -17.77 9.68 -18.16
CA ARG B 144 -17.53 10.70 -17.19
C ARG B 144 -16.17 10.30 -16.52
N GLN B 145 -16.12 9.04 -16.05
CA GLN B 145 -14.95 8.52 -15.32
C GLN B 145 -13.68 8.92 -16.07
N LEU B 146 -13.59 8.59 -17.30
CA LEU B 146 -12.65 8.78 -18.32
C LEU B 146 -12.43 10.24 -18.67
N ASN B 147 -13.41 11.04 -18.55
CA ASN B 147 -13.27 12.52 -18.87
C ASN B 147 -12.37 13.15 -17.93
N ALA B 148 -12.61 12.97 -16.67
CA ALA B 148 -11.84 13.34 -15.47
C ALA B 148 -10.36 13.07 -15.53
N VAL B 149 -9.91 12.24 -16.41
CA VAL B 149 -8.48 11.82 -16.66
C VAL B 149 -7.93 12.68 -17.81
N LEU B 150 -8.73 12.51 -18.82
CA LEU B 150 -8.71 13.13 -20.13
C LEU B 150 -8.45 14.64 -20.00
N GLU B 151 -9.09 15.14 -18.98
CA GLU B 151 -8.93 16.56 -18.58
C GLU B 151 -7.54 16.80 -17.91
N GLU B 152 -6.71 15.82 -17.70
CA GLU B 152 -5.32 15.84 -17.21
C GLU B 152 -4.38 15.07 -18.03
N VAL B 153 -4.92 14.17 -18.88
CA VAL B 153 -4.06 13.34 -19.79
C VAL B 153 -4.36 13.56 -21.23
N LYS B 154 -3.26 13.86 -21.93
CA LYS B 154 -3.06 14.18 -23.31
C LYS B 154 -2.59 13.09 -24.27
N ASP B 155 -1.63 12.37 -23.79
CA ASP B 155 -0.95 11.32 -24.43
C ASP B 155 -1.43 9.98 -23.74
N TRP B 156 -1.85 9.07 -24.55
CA TRP B 156 -2.39 7.84 -23.95
C TRP B 156 -1.60 6.66 -24.60
N THR B 157 -0.39 6.99 -24.94
CA THR B 157 0.40 5.96 -25.56
C THR B 157 0.65 4.80 -24.61
N ASN B 158 0.39 5.03 -23.34
CA ASN B 158 0.83 4.00 -22.36
C ASN B 158 -0.17 3.83 -21.24
N VAL B 159 -1.37 3.92 -21.69
CA VAL B 159 -2.58 3.72 -20.88
C VAL B 159 -3.27 2.54 -21.53
N VAL B 160 -3.87 1.71 -20.71
CA VAL B 160 -4.61 0.51 -21.06
C VAL B 160 -5.82 0.59 -20.19
N VAL B 161 -7.03 0.82 -20.68
CA VAL B 161 -8.26 0.94 -19.99
C VAL B 161 -8.95 -0.44 -19.68
N ALA B 162 -9.16 -0.59 -18.37
CA ALA B 162 -9.89 -1.77 -17.87
C ALA B 162 -11.36 -1.29 -17.53
N TYR B 163 -12.17 -1.97 -18.42
CA TYR B 163 -13.58 -1.89 -18.41
C TYR B 163 -14.04 -3.11 -17.58
N GLU B 164 -14.55 -2.75 -16.40
CA GLU B 164 -15.09 -3.67 -15.48
C GLU B 164 -16.43 -3.26 -14.84
N PRO B 165 -17.37 -3.95 -15.39
CA PRO B 165 -18.82 -3.76 -14.95
C PRO B 165 -18.61 -3.97 -13.48
N VAL B 166 -19.24 -3.11 -12.61
CA VAL B 166 -19.01 -3.40 -11.21
C VAL B 166 -19.69 -4.66 -10.77
N TRP B 167 -20.67 -5.24 -11.34
CA TRP B 167 -21.28 -6.52 -10.95
C TRP B 167 -20.64 -7.79 -11.48
N ALA B 168 -19.51 -7.73 -12.20
CA ALA B 168 -18.90 -8.90 -12.76
C ALA B 168 -17.57 -9.32 -12.07
N ILE B 169 -17.13 -8.42 -11.25
CA ILE B 169 -15.84 -8.66 -10.44
C ILE B 169 -16.19 -9.55 -9.27
N GLY B 170 -15.54 -10.69 -9.26
CA GLY B 170 -15.78 -11.69 -8.20
C GLY B 170 -17.08 -12.39 -8.02
N THR B 171 -18.12 -12.10 -8.82
CA THR B 171 -19.45 -12.64 -8.77
C THR B 171 -19.70 -13.86 -9.65
N GLY B 172 -19.05 -13.90 -10.77
CA GLY B 172 -19.18 -15.08 -11.72
C GLY B 172 -19.96 -14.57 -12.92
N LEU B 173 -20.68 -13.48 -12.62
CA LEU B 173 -21.59 -12.81 -13.55
C LEU B 173 -20.90 -12.07 -14.65
N ALA B 174 -20.29 -12.80 -15.58
CA ALA B 174 -19.65 -12.09 -16.72
C ALA B 174 -20.59 -11.37 -17.56
N ALA B 175 -19.97 -10.40 -18.28
CA ALA B 175 -20.87 -9.57 -19.20
C ALA B 175 -20.90 -10.55 -20.37
N THR B 176 -22.01 -10.37 -21.08
CA THR B 176 -22.22 -11.29 -22.27
C THR B 176 -21.29 -10.65 -23.30
N PRO B 177 -20.69 -11.44 -24.18
CA PRO B 177 -19.77 -10.97 -25.22
C PRO B 177 -20.43 -9.86 -26.01
N GLU B 178 -21.75 -9.90 -26.08
CA GLU B 178 -22.48 -8.90 -26.80
C GLU B 178 -22.11 -7.54 -26.30
N ASP B 179 -22.95 -7.15 -25.31
CA ASP B 179 -22.80 -5.83 -24.68
C ASP B 179 -21.30 -5.68 -24.58
N ALA B 180 -20.57 -6.78 -24.43
CA ALA B 180 -19.14 -6.85 -24.37
C ALA B 180 -18.52 -5.92 -25.43
N GLN B 181 -18.71 -6.35 -26.66
CA GLN B 181 -18.37 -5.62 -27.84
C GLN B 181 -19.03 -4.26 -28.02
N ASP B 182 -20.29 -4.26 -27.61
CA ASP B 182 -21.06 -2.95 -27.73
C ASP B 182 -20.33 -1.86 -27.05
N ILE B 183 -20.29 -1.82 -25.77
CA ILE B 183 -19.64 -0.72 -24.98
C ILE B 183 -18.19 -0.51 -25.31
N HIS B 184 -17.31 -1.51 -25.20
CA HIS B 184 -15.91 -1.18 -25.63
C HIS B 184 -16.00 -0.29 -26.91
N ALA B 185 -16.59 -0.90 -27.94
CA ALA B 185 -16.76 -0.23 -29.27
C ALA B 185 -17.15 1.22 -29.10
N SER B 186 -18.26 1.49 -28.45
CA SER B 186 -18.78 2.78 -28.25
C SER B 186 -17.75 3.74 -27.77
N ILE B 187 -16.96 3.43 -26.65
CA ILE B 187 -15.96 4.36 -26.15
C ILE B 187 -14.70 4.35 -26.99
N ARG B 188 -14.67 3.60 -28.12
CA ARG B 188 -13.34 3.65 -28.85
C ARG B 188 -13.51 4.99 -29.57
N LYS B 189 -14.81 5.17 -29.82
CA LYS B 189 -15.35 6.42 -30.48
C LYS B 189 -15.20 7.60 -29.52
N PHE B 190 -16.09 7.66 -28.55
CA PHE B 190 -15.97 8.83 -27.66
C PHE B 190 -14.47 9.10 -27.52
N LEU B 191 -13.78 8.05 -27.21
CA LEU B 191 -12.27 8.18 -27.01
C LEU B 191 -11.70 8.68 -28.30
N ALA B 192 -12.37 8.43 -29.43
CA ALA B 192 -11.95 8.75 -30.75
C ALA B 192 -11.38 10.17 -30.91
N SER B 193 -12.30 11.11 -30.97
CA SER B 193 -11.64 12.45 -31.33
C SER B 193 -11.56 13.31 -30.05
N LYS B 194 -11.37 12.47 -29.02
CA LYS B 194 -10.99 13.16 -27.75
C LYS B 194 -9.46 13.39 -28.21
N LEU B 195 -8.89 12.28 -28.60
CA LEU B 195 -7.50 12.31 -29.09
C LEU B 195 -7.19 11.73 -30.43
N GLY B 196 -8.03 11.80 -31.43
CA GLY B 196 -7.64 11.34 -32.77
C GLY B 196 -7.80 9.89 -33.07
N ASP B 197 -7.80 9.60 -34.37
CA ASP B 197 -7.95 8.22 -34.79
C ASP B 197 -6.70 7.35 -34.49
N LYS B 198 -5.48 7.70 -34.84
CA LYS B 198 -4.34 6.85 -34.57
C LYS B 198 -4.28 6.18 -33.20
N ALA B 199 -4.55 7.06 -32.17
CA ALA B 199 -4.51 6.77 -30.76
C ALA B 199 -5.68 5.78 -30.52
N ALA B 200 -6.89 6.30 -30.89
CA ALA B 200 -8.04 5.36 -30.70
C ALA B 200 -7.75 4.05 -31.28
N SER B 201 -6.86 4.01 -32.27
CA SER B 201 -6.53 2.79 -32.93
C SER B 201 -5.46 1.99 -32.22
N GLU B 202 -4.29 2.61 -31.86
CA GLU B 202 -3.26 1.76 -31.18
C GLU B 202 -3.68 1.42 -29.76
N LEU B 203 -4.72 1.97 -29.17
CA LEU B 203 -5.16 1.77 -27.80
C LEU B 203 -6.04 0.57 -27.45
N ARG B 204 -5.76 -0.14 -26.36
CA ARG B 204 -6.52 -1.24 -25.86
C ARG B 204 -7.51 -0.80 -24.72
N ILE B 205 -8.60 -1.57 -24.79
CA ILE B 205 -9.73 -1.65 -23.99
C ILE B 205 -9.91 -3.10 -23.49
N LEU B 206 -9.65 -3.20 -22.17
CA LEU B 206 -9.75 -4.46 -21.44
C LEU B 206 -11.20 -4.59 -20.97
N TYR B 207 -11.56 -5.85 -20.90
CA TYR B 207 -12.85 -6.24 -20.31
C TYR B 207 -12.46 -7.01 -19.06
N GLY B 208 -13.15 -6.87 -17.97
CA GLY B 208 -12.88 -7.66 -16.73
C GLY B 208 -14.12 -7.76 -15.94
N GLY B 209 -14.36 -8.76 -15.23
CA GLY B 209 -15.59 -8.97 -14.50
C GLY B 209 -15.95 -10.43 -14.69
N SER B 210 -15.14 -11.17 -13.95
CA SER B 210 -15.21 -12.62 -13.86
C SER B 210 -14.81 -13.25 -15.14
N ALA B 211 -13.83 -12.68 -15.80
CA ALA B 211 -13.13 -13.19 -17.03
C ALA B 211 -12.43 -14.51 -16.78
N ASN B 212 -12.57 -15.63 -17.49
CA ASN B 212 -11.80 -16.89 -17.13
C ASN B 212 -11.59 -17.81 -18.29
N GLY B 213 -10.73 -18.84 -18.24
CA GLY B 213 -10.40 -19.77 -19.29
C GLY B 213 -11.35 -20.17 -20.30
N SER B 214 -12.55 -20.49 -19.96
CA SER B 214 -13.74 -20.90 -20.58
C SER B 214 -14.47 -19.88 -21.39
N ASN B 215 -14.95 -18.86 -20.75
CA ASN B 215 -15.75 -17.73 -21.31
C ASN B 215 -14.75 -16.80 -22.12
N ALA B 216 -13.46 -17.00 -21.84
CA ALA B 216 -12.43 -16.23 -22.44
C ALA B 216 -12.49 -16.25 -23.91
N VAL B 217 -12.72 -17.41 -24.46
CA VAL B 217 -12.76 -17.70 -25.90
C VAL B 217 -13.91 -17.14 -26.66
N THR B 218 -14.95 -16.77 -25.99
CA THR B 218 -16.14 -16.21 -26.46
C THR B 218 -16.06 -14.77 -26.90
N PHE B 219 -14.89 -14.15 -26.54
CA PHE B 219 -14.70 -12.70 -26.96
C PHE B 219 -13.67 -12.77 -28.10
N LYS B 220 -13.49 -13.99 -28.58
CA LYS B 220 -12.53 -14.37 -29.56
C LYS B 220 -12.43 -13.40 -30.71
N ASP B 221 -13.61 -13.23 -31.30
CA ASP B 221 -13.83 -12.40 -32.47
C ASP B 221 -14.51 -11.08 -32.20
N LYS B 222 -13.93 -10.49 -31.16
CA LYS B 222 -14.55 -9.13 -30.76
C LYS B 222 -13.55 -7.99 -30.86
N ALA B 223 -13.63 -7.28 -31.98
CA ALA B 223 -12.61 -6.20 -32.26
C ALA B 223 -12.95 -5.10 -31.28
N ASP B 224 -12.22 -4.71 -30.33
CA ASP B 224 -12.72 -3.66 -29.42
C ASP B 224 -12.67 -4.23 -27.99
N VAL B 225 -12.65 -5.53 -28.01
CA VAL B 225 -12.46 -6.27 -26.76
C VAL B 225 -11.03 -6.69 -27.01
N ASP B 226 -10.15 -5.77 -26.52
CA ASP B 226 -8.66 -6.10 -26.83
C ASP B 226 -8.03 -6.94 -25.68
N GLY B 227 -8.83 -7.47 -24.78
CA GLY B 227 -8.31 -8.29 -23.68
C GLY B 227 -8.95 -8.19 -22.32
N PHE B 228 -8.32 -8.69 -21.30
CA PHE B 228 -8.97 -8.59 -19.94
C PHE B 228 -8.09 -8.38 -18.74
N LEU B 229 -8.87 -7.93 -17.62
CA LEU B 229 -8.26 -7.81 -16.31
C LEU B 229 -8.84 -9.06 -15.51
N VAL B 230 -8.02 -10.01 -15.39
CA VAL B 230 -8.30 -11.24 -14.66
C VAL B 230 -7.86 -11.15 -13.16
N GLY B 231 -8.81 -11.15 -12.31
CA GLY B 231 -8.58 -11.05 -10.80
C GLY B 231 -8.33 -12.57 -10.50
N GLY B 232 -9.39 -13.18 -10.05
CA GLY B 232 -9.54 -14.54 -9.68
C GLY B 232 -8.78 -15.56 -10.47
N ALA B 233 -9.13 -15.61 -11.76
CA ALA B 233 -8.40 -16.46 -12.70
C ALA B 233 -6.93 -16.24 -12.95
N SER B 234 -6.28 -15.23 -12.38
CA SER B 234 -4.77 -15.11 -12.61
C SER B 234 -3.99 -15.96 -11.63
N LEU B 235 -4.62 -16.59 -10.69
CA LEU B 235 -3.97 -17.34 -9.68
C LEU B 235 -3.74 -18.82 -10.00
N LYS B 236 -4.34 -19.28 -11.09
CA LYS B 236 -4.39 -20.61 -11.68
C LYS B 236 -3.78 -20.75 -13.09
N PRO B 237 -3.82 -21.99 -13.54
CA PRO B 237 -3.30 -22.41 -14.89
C PRO B 237 -4.22 -21.74 -15.89
N GLU B 238 -5.56 -21.90 -15.73
CA GLU B 238 -6.45 -21.20 -16.68
C GLU B 238 -5.95 -19.88 -17.22
N PHE B 239 -5.11 -19.26 -16.42
CA PHE B 239 -4.54 -17.90 -16.81
C PHE B 239 -3.99 -18.10 -18.26
N VAL B 240 -3.28 -19.29 -18.34
CA VAL B 240 -2.58 -19.66 -19.54
C VAL B 240 -3.53 -19.89 -20.62
N ASP B 241 -4.68 -20.54 -20.36
CA ASP B 241 -5.72 -20.81 -21.28
C ASP B 241 -6.15 -19.43 -21.87
N ILE B 242 -6.43 -18.52 -20.94
CA ILE B 242 -6.90 -17.17 -21.22
C ILE B 242 -6.04 -16.38 -22.18
N ILE B 243 -4.81 -16.66 -22.37
CA ILE B 243 -3.88 -15.93 -23.25
C ILE B 243 -3.41 -16.80 -24.38
N ASN B 244 -4.22 -17.86 -24.58
CA ASN B 244 -3.94 -18.86 -25.66
C ASN B 244 -5.30 -18.86 -26.51
N SER B 245 -6.27 -18.11 -26.21
CA SER B 245 -7.53 -17.97 -27.00
C SER B 245 -7.53 -16.78 -27.91
N ARG B 246 -6.55 -15.95 -28.06
CA ARG B 246 -6.36 -14.81 -28.89
C ARG B 246 -7.35 -13.66 -29.00
N ASN B 247 -7.28 -12.50 -28.26
CA ASN B 247 -8.18 -11.33 -28.43
C ASN B 247 -9.55 -11.39 -27.85
P PGA C . 9.31 13.24 12.49
O1P PGA C . 8.32 12.05 11.90
O2P PGA C . 10.33 12.83 13.51
O3P PGA C . 8.28 14.32 12.87
O4P PGA C . 9.89 13.63 11.14
C2 PGA C . 7.86 11.11 12.80
C1 PGA C . 6.69 10.29 12.16
O1 PGA C . 6.06 10.65 11.12
O2 PGA C . 6.38 9.27 12.99
P PGA D . -12.62 -11.19 -11.41
O1P PGA D . -12.06 -9.76 -10.69
O2P PGA D . -11.84 -11.63 -12.53
O3P PGA D . -14.12 -10.56 -11.57
O4P PGA D . -12.76 -12.08 -10.19
C2 PGA D . -11.33 -9.02 -11.64
C1 PGA D . -10.69 -7.75 -11.44
O1 PGA D . -10.67 -7.05 -10.40
O2 PGA D . -9.96 -7.13 -12.42
#